data_5LAA
#
_entry.id   5LAA
#
_cell.length_a   100.604
_cell.length_b   100.604
_cell.length_c   262.706
_cell.angle_alpha   90.00
_cell.angle_beta   90.00
_cell.angle_gamma   90.00
#
_symmetry.space_group_name_H-M   'I 4 2 2'
#
loop_
_entity.id
_entity.type
_entity.pdbx_description
1 polymer 'Tetrahydromethanopterin S-methyltransferase subunit A'
2 polymer 'Tetrahydromethanopterin S-methyltransferase subunit A'
3 non-polymer COBALAMIN
#
loop_
_entity_poly.entity_id
_entity_poly.type
_entity_poly.pdbx_seq_one_letter_code
_entity_poly.pdbx_strand_id
1 'polypeptide(L)'
;MVKKKEPAEGWPVVSGDYIVGDPESPVAAVTLASHIEDIPIDAGAAIAGPCKTENLGIEKVIANIISNPNIRFLVLCGSE
VQGHIVGQSMKALHKNGVDDKRKIIGAKGAIPYIENLPEEALERFQKQVEIVDLIDVEDADQIKEKVKECIEKDPGAFEE
EEVILRL
;
A,B
2 'polypeptide(L)'
;GSHMVKKKEPAEGWPVVSGDYIVGDPESPVAAVTLASHIEDIPIDAGAAIAGPCKTENLGIEKVIANIISNPNIRFLVLC
GSEVQGHIVGQSMKALHKNGVDDKRKIIGAKGAIPYIENLPEEALERFQKQVEIVDLIDVEDADQIKEKVKECIEKDPGA
FEEEEVILRL
;
C
#
loop_
_chem_comp.id
_chem_comp.type
_chem_comp.name
_chem_comp.formula
B12 non-polymer COBALAMIN 'C62 H89 Co N13 O14 P 2'
#
# COMPACT_ATOMS: atom_id res chain seq x y z
N MET A 1 6.74 41.76 3.49
CA MET A 1 7.08 42.50 4.75
C MET A 1 6.99 41.65 6.05
N VAL A 2 6.31 40.48 6.00
CA VAL A 2 6.25 39.51 7.12
C VAL A 2 7.58 38.82 7.32
N LYS A 3 7.94 38.52 8.56
CA LYS A 3 9.24 37.96 8.93
C LYS A 3 9.32 36.48 8.63
N LYS A 4 10.32 36.06 7.84
CA LYS A 4 10.50 34.64 7.46
C LYS A 4 11.94 34.21 7.70
N LYS A 5 12.12 33.01 8.22
CA LYS A 5 13.44 32.39 8.39
C LYS A 5 13.57 31.20 7.45
N GLU A 6 14.80 30.75 7.24
CA GLU A 6 15.04 29.61 6.36
C GLU A 6 14.82 28.32 7.13
N PRO A 7 14.08 27.36 6.53
CA PRO A 7 13.90 26.07 7.20
C PRO A 7 15.19 25.25 7.24
N ALA A 8 15.25 24.24 8.10
CA ALA A 8 16.39 23.29 8.17
C ALA A 8 16.83 22.77 6.79
N GLU A 9 18.12 22.52 6.59
CA GLU A 9 18.63 22.06 5.29
C GLU A 9 17.95 20.77 4.88
N GLY A 10 17.62 20.65 3.59
CA GLY A 10 16.93 19.49 3.05
C GLY A 10 15.54 19.25 3.61
N TRP A 11 14.87 20.33 4.02
CA TRP A 11 13.51 20.23 4.56
C TRP A 11 12.57 19.82 3.43
N PRO A 12 11.58 18.93 3.65
CA PRO A 12 11.34 18.22 4.91
C PRO A 12 12.29 17.05 5.06
N VAL A 13 12.84 16.90 6.25
CA VAL A 13 13.96 15.98 6.48
C VAL A 13 13.51 14.52 6.53
N VAL A 14 12.35 14.32 7.15
CA VAL A 14 11.82 13.00 7.42
C VAL A 14 10.90 12.55 6.28
N SER A 15 11.27 11.43 5.61
CA SER A 15 10.41 10.75 4.64
C SER A 15 8.98 10.56 5.15
N GLY A 16 8.03 10.64 4.23
CA GLY A 16 6.62 10.42 4.52
C GLY A 16 5.76 10.60 3.29
N ASP A 17 4.46 10.50 3.48
CA ASP A 17 3.47 10.71 2.43
C ASP A 17 2.90 12.14 2.59
N TYR A 18 3.37 13.06 1.76
CA TYR A 18 2.91 14.45 1.77
C TYR A 18 3.21 15.13 0.45
N ILE A 19 2.62 16.30 0.27
CA ILE A 19 2.92 17.19 -0.84
C ILE A 19 3.62 18.39 -0.20
N VAL A 20 4.81 18.76 -0.68
CA VAL A 20 5.47 19.99 -0.25
C VAL A 20 4.98 21.13 -1.16
N GLY A 21 4.67 22.27 -0.56
CA GLY A 21 4.21 23.47 -1.28
C GLY A 21 5.24 24.57 -1.07
N ASP A 22 4.76 25.77 -0.73
CA ASP A 22 5.64 26.94 -0.47
C ASP A 22 6.34 26.80 0.90
N PRO A 23 7.67 26.58 0.94
CA PRO A 23 8.31 26.38 2.26
C PRO A 23 8.18 27.57 3.23
N GLU A 24 7.78 28.74 2.73
CA GLU A 24 7.57 29.92 3.56
C GLU A 24 6.12 30.16 3.97
N SER A 25 5.18 29.37 3.45
CA SER A 25 3.78 29.44 3.89
C SER A 25 3.68 29.12 5.39
N PRO A 26 2.79 29.80 6.12
CA PRO A 26 2.69 29.52 7.55
C PRO A 26 1.87 28.29 7.96
N VAL A 27 1.31 27.55 6.99
CA VAL A 27 0.25 26.56 7.25
C VAL A 27 0.65 25.14 6.87
N ALA A 28 0.41 24.22 7.82
CA ALA A 28 0.49 22.77 7.58
C ALA A 28 -0.92 22.16 7.69
N ALA A 29 -1.17 21.09 6.94
CA ALA A 29 -2.48 20.44 6.88
C ALA A 29 -2.35 18.94 6.96
N VAL A 30 -2.87 18.38 8.05
CA VAL A 30 -3.00 16.94 8.19
C VAL A 30 -4.42 16.59 7.73
N THR A 31 -4.52 15.77 6.67
CA THR A 31 -5.80 15.31 6.09
C THR A 31 -6.37 14.01 6.70
N LEU A 32 -5.59 13.36 7.57
CA LEU A 32 -6.05 12.22 8.36
C LEU A 32 -6.38 11.00 7.49
N ALA A 33 -7.61 10.48 7.58
CA ALA A 33 -8.08 9.35 6.77
C ALA A 33 -8.42 9.74 5.35
N SER A 34 -8.56 11.04 5.08
CA SER A 34 -9.05 11.52 3.78
C SER A 34 -7.93 11.75 2.79
N HIS A 35 -8.34 11.78 1.53
CA HIS A 35 -7.42 11.83 0.43
C HIS A 35 -7.56 13.15 -0.32
N ILE A 36 -7.18 14.23 0.36
CA ILE A 36 -7.45 15.60 -0.10
C ILE A 36 -6.23 16.51 0.07
N GLU A 37 -5.05 15.93 -0.04
CA GLU A 37 -3.79 16.62 0.22
C GLU A 37 -3.59 17.84 -0.71
N ASP A 38 -4.09 17.71 -1.94
CA ASP A 38 -4.02 18.77 -2.99
C ASP A 38 -4.77 20.06 -2.65
N ILE A 39 -5.87 19.97 -1.91
CA ILE A 39 -6.77 21.11 -1.71
C ILE A 39 -6.16 22.22 -0.84
N PRO A 40 -5.50 21.85 0.29
CA PRO A 40 -4.72 22.81 1.06
C PRO A 40 -3.50 23.37 0.34
N ILE A 41 -2.86 22.56 -0.51
CA ILE A 41 -1.68 23.01 -1.27
C ILE A 41 -2.09 24.08 -2.29
N ASP A 42 -3.22 23.89 -2.95
CA ASP A 42 -3.72 24.85 -3.94
C ASP A 42 -4.36 26.09 -3.33
N ALA A 43 -4.62 26.05 -2.02
CA ALA A 43 -4.89 27.27 -1.23
C ALA A 43 -3.62 27.88 -0.59
N GLY A 44 -2.46 27.27 -0.87
CA GLY A 44 -1.15 27.86 -0.60
C GLY A 44 -0.51 27.46 0.70
N ALA A 45 -0.74 26.22 1.14
CA ALA A 45 -0.06 25.65 2.30
C ALA A 45 1.38 25.23 1.98
N ALA A 46 2.14 25.03 3.05
CA ALA A 46 3.56 24.67 2.99
C ALA A 46 3.74 23.20 2.80
N ILE A 47 2.87 22.42 3.44
CA ILE A 47 2.96 20.95 3.42
C ILE A 47 1.62 20.33 3.83
N ALA A 48 1.19 19.30 3.11
CA ALA A 48 -0.09 18.64 3.37
C ALA A 48 -0.02 17.15 3.05
N GLY A 49 -0.65 16.36 3.91
CA GLY A 49 -0.55 14.89 3.83
C GLY A 49 -1.53 14.18 4.73
N PRO A 50 -1.71 12.87 4.52
CA PRO A 50 -2.51 12.11 5.45
C PRO A 50 -1.67 11.70 6.65
N CYS A 51 -2.35 11.38 7.73
CA CYS A 51 -1.74 10.78 8.90
C CYS A 51 -2.75 9.82 9.55
N LYS A 52 -2.42 8.53 9.52
CA LYS A 52 -3.31 7.47 9.95
C LYS A 52 -2.97 6.78 11.29
N THR A 53 -1.77 7.00 11.84
CA THR A 53 -1.41 6.44 13.15
C THR A 53 -1.16 7.51 14.23
N GLU A 54 -1.58 7.15 15.46
CA GLU A 54 -1.57 8.03 16.63
C GLU A 54 -0.27 7.97 17.44
N ASN A 55 0.84 7.54 16.83
CA ASN A 55 2.14 7.45 17.48
C ASN A 55 3.26 7.81 16.52
N LEU A 56 3.68 6.89 15.65
CA LEU A 56 4.76 7.17 14.70
C LEU A 56 4.36 8.21 13.68
N GLY A 57 3.10 8.17 13.23
CA GLY A 57 2.61 9.09 12.23
C GLY A 57 2.64 10.49 12.75
N ILE A 58 2.20 10.65 13.99
CA ILE A 58 2.22 11.94 14.67
C ILE A 58 3.65 12.45 14.88
N GLU A 59 4.55 11.56 15.27
CA GLU A 59 5.95 11.93 15.46
C GLU A 59 6.58 12.48 14.18
N LYS A 60 6.25 11.90 13.03
CA LYS A 60 6.78 12.37 11.74
C LYS A 60 6.28 13.77 11.41
N VAL A 61 5.00 14.04 11.71
CA VAL A 61 4.39 15.35 11.47
C VAL A 61 5.11 16.43 12.27
N ILE A 62 5.27 16.16 13.56
CA ILE A 62 5.86 17.13 14.49
C ILE A 62 7.29 17.43 14.13
N ALA A 63 8.08 16.38 13.88
CA ALA A 63 9.47 16.53 13.49
C ALA A 63 9.63 17.39 12.25
N ASN A 64 8.72 17.24 11.30
CA ASN A 64 8.77 18.01 10.05
C ASN A 64 8.18 19.43 10.15
N ILE A 65 7.40 19.70 11.18
CA ILE A 65 6.91 21.06 11.46
C ILE A 65 7.99 21.89 12.17
N ILE A 66 8.48 21.37 13.29
CA ILE A 66 9.43 22.13 14.13
C ILE A 66 10.74 22.47 13.41
N SER A 67 11.11 21.68 12.40
CA SER A 67 12.27 21.96 11.58
C SER A 67 12.07 23.08 10.56
N ASN A 68 10.82 23.56 10.39
CA ASN A 68 10.52 24.77 9.63
C ASN A 68 9.84 25.86 10.49
N PRO A 69 10.62 26.85 11.00
CA PRO A 69 10.02 27.85 11.88
C PRO A 69 8.93 28.74 11.24
N ASN A 70 8.85 28.78 9.92
CA ASN A 70 7.82 29.57 9.22
C ASN A 70 6.39 29.10 9.49
N ILE A 71 6.25 27.83 9.82
CA ILE A 71 4.94 27.21 10.05
C ILE A 71 4.40 27.56 11.42
N ARG A 72 3.30 28.30 11.45
CA ARG A 72 2.65 28.73 12.68
C ARG A 72 1.21 28.19 12.85
N PHE A 73 0.73 27.42 11.89
CA PHE A 73 -0.63 26.88 11.93
C PHE A 73 -0.63 25.43 11.50
N LEU A 74 -1.40 24.60 12.20
CA LEU A 74 -1.62 23.22 11.81
C LEU A 74 -3.12 22.96 11.69
N VAL A 75 -3.58 22.86 10.45
CA VAL A 75 -4.96 22.49 10.19
C VAL A 75 -5.08 20.98 10.32
N LEU A 76 -6.11 20.55 11.04
CA LEU A 76 -6.52 19.15 11.11
C LEU A 76 -7.85 19.02 10.35
N CYS A 77 -7.81 18.37 9.17
CA CYS A 77 -8.99 18.25 8.32
C CYS A 77 -9.18 16.82 7.82
N GLY A 78 -10.30 16.58 7.13
CA GLY A 78 -10.63 15.26 6.61
C GLY A 78 -11.20 14.34 7.67
N SER A 79 -11.62 13.15 7.25
CA SER A 79 -12.31 12.24 8.16
C SER A 79 -11.37 11.73 9.22
N GLU A 80 -11.91 11.55 10.41
CA GLU A 80 -11.13 11.03 11.51
C GLU A 80 -10.86 9.56 11.23
N VAL A 81 -9.68 9.12 11.67
CA VAL A 81 -9.22 7.75 11.49
C VAL A 81 -9.89 6.94 12.58
N GLN A 82 -10.65 5.93 12.18
CA GLN A 82 -11.43 5.19 13.13
C GLN A 82 -10.47 4.38 14.02
N GLY A 83 -10.72 4.33 15.33
CA GLY A 83 -9.93 3.51 16.28
C GLY A 83 -8.58 4.04 16.70
N HIS A 84 -7.74 4.34 15.72
CA HIS A 84 -6.51 5.11 15.93
C HIS A 84 -6.74 6.52 16.48
N ILE A 85 -7.76 7.18 15.93
CA ILE A 85 -8.21 8.52 16.34
C ILE A 85 -7.03 9.50 16.39
N VAL A 86 -6.44 9.77 15.22
CA VAL A 86 -5.21 10.60 15.13
C VAL A 86 -5.48 12.07 15.39
N GLY A 87 -6.57 12.58 14.80
CA GLY A 87 -6.98 13.98 14.98
C GLY A 87 -7.12 14.45 16.43
N GLN A 88 -8.02 13.80 17.14
CA GLN A 88 -8.27 14.10 18.52
C GLN A 88 -7.05 13.83 19.39
N SER A 89 -6.29 12.81 19.06
CA SER A 89 -5.05 12.52 19.78
C SER A 89 -4.03 13.64 19.64
N MET A 90 -3.94 14.23 18.47
CA MET A 90 -3.01 15.32 18.26
C MET A 90 -3.40 16.62 18.97
N LYS A 91 -4.70 16.93 18.97
CA LYS A 91 -5.25 18.07 19.72
C LYS A 91 -4.89 17.98 21.18
N ALA A 92 -5.09 16.77 21.72
CA ALA A 92 -4.79 16.48 23.11
C ALA A 92 -3.31 16.61 23.39
N LEU A 93 -2.47 16.14 22.47
CA LEU A 93 -1.03 16.27 22.65
C LEU A 93 -0.56 17.73 22.68
N HIS A 94 -1.10 18.55 21.77
CA HIS A 94 -0.76 19.98 21.73
C HIS A 94 -1.11 20.70 23.03
N LYS A 95 -2.32 20.47 23.49
CA LYS A 95 -2.80 21.13 24.67
C LYS A 95 -2.26 20.55 26.00
N ASN A 96 -2.20 19.22 26.14
CA ASN A 96 -1.83 18.56 27.41
C ASN A 96 -0.43 17.98 27.53
N GLY A 97 0.23 17.76 26.40
CA GLY A 97 1.54 17.11 26.36
C GLY A 97 1.50 15.63 26.70
N VAL A 98 2.64 15.08 27.12
CA VAL A 98 2.74 13.67 27.49
C VAL A 98 3.00 13.42 28.96
N ASP A 99 2.52 12.27 29.40
CA ASP A 99 2.72 11.79 30.75
C ASP A 99 4.11 11.11 30.78
N ASP A 100 4.63 10.79 31.95
CA ASP A 100 6.01 10.23 32.05
C ASP A 100 6.25 8.77 31.59
N LYS A 101 5.20 8.09 31.14
CA LYS A 101 5.28 6.83 30.34
C LYS A 101 5.29 7.15 28.83
N ARG A 102 5.36 8.44 28.48
CA ARG A 102 5.20 8.98 27.13
C ARG A 102 3.84 8.72 26.49
N LYS A 103 2.79 8.56 27.31
CA LYS A 103 1.43 8.51 26.80
C LYS A 103 0.91 9.93 26.65
N ILE A 104 0.10 10.16 25.63
CA ILE A 104 -0.53 11.45 25.39
C ILE A 104 -1.72 11.56 26.33
N ILE A 105 -1.73 12.64 27.10
CA ILE A 105 -2.76 12.87 28.08
C ILE A 105 -4.03 13.33 27.38
N GLY A 106 -5.16 12.73 27.76
CA GLY A 106 -6.45 13.06 27.18
C GLY A 106 -6.80 12.39 25.84
N ALA A 107 -5.83 11.72 25.19
CA ALA A 107 -6.04 11.16 23.85
C ALA A 107 -6.87 9.89 23.86
N LYS A 108 -7.88 9.84 23.00
CA LYS A 108 -8.78 8.67 22.87
C LYS A 108 -8.21 7.58 21.93
N GLY A 109 -7.16 7.92 21.19
CA GLY A 109 -6.47 6.96 20.33
C GLY A 109 -5.96 5.73 21.07
N ALA A 110 -6.01 4.58 20.40
CA ALA A 110 -5.80 3.31 21.05
C ALA A 110 -4.39 3.06 21.60
N ILE A 111 -3.37 3.59 20.92
CA ILE A 111 -1.96 3.46 21.36
C ILE A 111 -1.29 4.84 21.18
N PRO A 112 -1.69 5.83 21.99
CA PRO A 112 -1.20 7.20 21.81
C PRO A 112 0.14 7.46 22.54
N TYR A 113 1.22 6.85 22.05
CA TYR A 113 2.53 6.91 22.70
C TYR A 113 3.56 7.59 21.80
N ILE A 114 4.26 8.57 22.33
CA ILE A 114 5.38 9.17 21.58
C ILE A 114 6.71 8.77 22.21
N GLU A 115 7.28 7.74 21.61
CA GLU A 115 8.47 7.06 22.09
C GLU A 115 9.77 7.73 21.64
N ASN A 116 9.74 8.38 20.49
CA ASN A 116 10.95 8.78 19.77
C ASN A 116 11.35 10.25 19.85
N LEU A 117 10.40 11.14 20.05
CA LEU A 117 10.73 12.56 20.22
C LEU A 117 11.10 12.88 21.66
N PRO A 118 12.10 13.77 21.86
CA PRO A 118 12.40 14.23 23.22
C PRO A 118 11.34 15.25 23.72
N GLU A 119 11.44 15.63 25.00
CA GLU A 119 10.48 16.56 25.61
C GLU A 119 10.60 17.95 24.96
N GLU A 120 11.81 18.49 24.87
CA GLU A 120 12.06 19.80 24.24
C GLU A 120 11.42 19.95 22.87
N ALA A 121 11.38 18.85 22.11
CA ALA A 121 10.75 18.86 20.80
C ALA A 121 9.22 19.00 20.86
N LEU A 122 8.58 18.56 21.94
CA LEU A 122 7.14 18.74 22.10
C LEU A 122 6.78 20.14 22.54
N GLU A 123 7.54 20.67 23.50
CA GLU A 123 7.30 22.03 24.01
C GLU A 123 7.40 23.03 22.88
N ARG A 124 8.40 22.84 22.03
CA ARG A 124 8.54 23.59 20.80
C ARG A 124 7.31 23.52 19.90
N PHE A 125 6.80 22.31 19.70
CA PHE A 125 5.56 22.10 18.94
C PHE A 125 4.37 22.84 19.56
N GLN A 126 4.28 22.86 20.88
CA GLN A 126 3.15 23.49 21.55
C GLN A 126 3.24 25.00 21.40
N LYS A 127 4.45 25.55 21.44
CA LYS A 127 4.67 27.00 21.32
C LYS A 127 4.68 27.50 19.88
N GLN A 128 5.23 26.71 18.95
CA GLN A 128 5.38 27.15 17.56
C GLN A 128 4.06 27.36 16.84
N VAL A 129 3.27 26.29 16.75
CA VAL A 129 2.00 26.35 16.04
C VAL A 129 0.82 26.49 16.98
N GLU A 130 -0.29 26.90 16.37
CA GLU A 130 -1.61 26.85 16.96
C GLU A 130 -2.40 25.85 16.10
N ILE A 131 -3.40 25.23 16.69
CA ILE A 131 -4.20 24.20 16.03
C ILE A 131 -5.54 24.72 15.51
N VAL A 132 -5.92 24.22 14.34
CA VAL A 132 -7.16 24.61 13.68
C VAL A 132 -7.97 23.36 13.39
N ASP A 133 -9.08 23.19 14.10
CA ASP A 133 -9.87 21.98 14.08
C ASP A 133 -10.88 22.04 12.92
N LEU A 134 -10.63 21.24 11.88
CA LEU A 134 -11.62 20.99 10.82
C LEU A 134 -11.83 19.49 10.64
N ILE A 135 -11.85 18.77 11.76
CA ILE A 135 -11.88 17.32 11.77
C ILE A 135 -13.28 16.87 11.32
N ASP A 136 -13.30 15.91 10.40
CA ASP A 136 -14.51 15.40 9.72
C ASP A 136 -15.16 16.38 8.75
N VAL A 137 -14.39 17.36 8.30
CA VAL A 137 -14.82 18.28 7.27
C VAL A 137 -13.94 17.97 6.08
N GLU A 138 -14.57 17.53 4.98
CA GLU A 138 -13.91 17.38 3.67
C GLU A 138 -14.29 18.46 2.65
N ASP A 139 -15.38 19.23 2.88
CA ASP A 139 -15.78 20.37 2.00
C ASP A 139 -14.57 21.22 1.59
N ALA A 140 -14.39 21.41 0.29
CA ALA A 140 -13.20 22.08 -0.24
C ALA A 140 -13.22 23.57 0.09
N ASP A 141 -14.29 24.25 -0.31
CA ASP A 141 -14.47 25.70 -0.07
C ASP A 141 -14.13 26.10 1.36
N GLN A 142 -14.58 25.27 2.31
CA GLN A 142 -14.28 25.40 3.75
C GLN A 142 -12.79 25.31 4.13
N ILE A 143 -12.15 24.23 3.69
CA ILE A 143 -10.75 24.00 3.96
C ILE A 143 -9.91 25.11 3.33
N LYS A 144 -10.26 25.52 2.12
CA LYS A 144 -9.54 26.60 1.42
C LYS A 144 -9.62 27.90 2.22
N GLU A 145 -10.83 28.33 2.56
CA GLU A 145 -11.05 29.57 3.34
C GLU A 145 -10.35 29.64 4.67
N LYS A 146 -10.27 28.50 5.37
CA LYS A 146 -9.52 28.46 6.61
C LYS A 146 -8.01 28.60 6.36
N VAL A 147 -7.50 27.99 5.29
CA VAL A 147 -6.09 28.13 4.97
C VAL A 147 -5.76 29.57 4.57
N LYS A 148 -6.66 30.25 3.86
CA LYS A 148 -6.39 31.64 3.42
C LYS A 148 -6.50 32.62 4.58
N GLU A 149 -7.42 32.35 5.49
CA GLU A 149 -7.52 33.07 6.76
C GLU A 149 -6.21 33.02 7.56
N CYS A 150 -5.66 31.84 7.78
CA CYS A 150 -4.36 31.67 8.43
C CYS A 150 -3.26 32.44 7.75
N ILE A 151 -3.24 32.40 6.43
CA ILE A 151 -2.24 33.12 5.66
C ILE A 151 -2.34 34.64 5.91
N GLU A 152 -3.57 35.15 5.95
CA GLU A 152 -3.81 36.55 6.28
C GLU A 152 -3.31 36.91 7.67
N LYS A 153 -3.35 35.95 8.60
CA LYS A 153 -2.95 36.17 10.00
C LYS A 153 -1.55 35.65 10.33
N ASP A 154 -0.65 35.69 9.36
CA ASP A 154 0.68 35.14 9.50
C ASP A 154 1.46 36.02 10.47
N PRO A 155 1.89 35.47 11.63
CA PRO A 155 2.74 36.24 12.54
C PRO A 155 4.21 36.24 12.18
N GLY A 156 4.59 35.44 11.21
CA GLY A 156 5.97 35.32 10.80
C GLY A 156 6.63 34.17 11.52
N ALA A 157 7.91 33.96 11.24
CA ALA A 157 8.62 32.81 11.77
C ALA A 157 8.73 32.84 13.28
N PHE A 158 8.81 31.66 13.88
CA PHE A 158 8.89 31.49 15.32
C PHE A 158 10.33 31.65 15.85
N GLU A 159 10.43 32.09 17.10
CA GLU A 159 11.75 32.12 17.77
C GLU A 159 11.66 32.23 19.28
N GLU A 160 12.33 31.30 19.96
CA GLU A 160 12.23 31.21 21.41
C GLU A 160 13.20 32.20 22.07
N GLU A 161 12.90 32.56 23.31
CA GLU A 161 13.52 33.72 23.96
C GLU A 161 14.92 33.44 24.52
N VAL B 2 3.59 -27.69 29.89
CA VAL B 2 4.64 -27.68 30.94
C VAL B 2 5.84 -26.90 30.34
N LYS B 3 6.77 -27.63 29.70
CA LYS B 3 8.08 -27.05 29.40
C LYS B 3 8.08 -26.08 28.27
N LYS B 4 9.11 -25.24 28.29
CA LYS B 4 9.36 -24.26 27.26
C LYS B 4 10.82 -24.34 26.83
N LYS B 5 11.07 -24.24 25.53
CA LYS B 5 12.43 -24.18 24.97
C LYS B 5 12.65 -22.81 24.37
N GLU B 6 13.91 -22.47 24.14
CA GLU B 6 14.27 -21.16 23.60
C GLU B 6 14.09 -21.19 22.10
N PRO B 7 13.43 -20.15 21.52
CA PRO B 7 13.31 -20.10 20.06
C PRO B 7 14.64 -19.78 19.39
N ALA B 8 14.74 -20.04 18.08
CA ALA B 8 15.94 -19.71 17.29
C ALA B 8 16.44 -18.28 17.53
N GLU B 9 17.75 -18.06 17.47
CA GLU B 9 18.32 -16.72 17.70
C GLU B 9 17.72 -15.69 16.72
N GLY B 10 17.43 -14.49 17.23
CA GLY B 10 16.81 -13.43 16.44
C GLY B 10 15.42 -13.74 15.91
N TRP B 11 14.66 -14.59 16.63
CA TRP B 11 13.31 -14.97 16.22
C TRP B 11 12.40 -13.77 16.39
N PRO B 12 11.45 -13.52 15.48
CA PRO B 12 11.26 -14.23 14.21
C PRO B 12 12.30 -13.85 13.15
N VAL B 13 12.84 -14.84 12.45
CA VAL B 13 14.01 -14.64 11.60
C VAL B 13 13.62 -13.95 10.29
N VAL B 14 12.46 -14.35 9.77
CA VAL B 14 12.00 -13.94 8.46
C VAL B 14 11.12 -12.69 8.56
N SER B 15 11.57 -11.60 7.93
CA SER B 15 10.77 -10.38 7.75
C SER B 15 9.36 -10.66 7.26
N GLY B 16 8.43 -9.85 7.73
CA GLY B 16 7.03 -9.97 7.34
C GLY B 16 6.20 -8.93 8.07
N ASP B 17 4.89 -9.00 7.84
CA ASP B 17 3.92 -8.09 8.46
C ASP B 17 3.26 -8.87 9.61
N TYR B 18 3.70 -8.60 10.83
CA TYR B 18 3.15 -9.25 12.02
C TYR B 18 3.44 -8.41 13.27
N ILE B 19 2.79 -8.79 14.36
CA ILE B 19 3.09 -8.27 15.68
C ILE B 19 3.67 -9.43 16.45
N VAL B 20 4.84 -9.23 17.06
CA VAL B 20 5.44 -10.24 17.97
C VAL B 20 4.90 -9.97 19.36
N GLY B 21 4.50 -11.05 20.05
CA GLY B 21 3.99 -10.97 21.42
C GLY B 21 4.94 -11.71 22.34
N ASP B 22 4.38 -12.55 23.21
CA ASP B 22 5.16 -13.38 24.12
C ASP B 22 5.84 -14.54 23.36
N PRO B 23 7.18 -14.52 23.16
CA PRO B 23 7.80 -15.64 22.46
C PRO B 23 7.58 -17.05 23.04
N GLU B 24 7.12 -17.16 24.27
CA GLU B 24 6.81 -18.46 24.88
C GLU B 24 5.34 -18.87 24.81
N SER B 25 4.47 -17.99 24.31
CA SER B 25 3.07 -18.33 24.15
C SER B 25 2.94 -19.46 23.15
N PRO B 26 1.97 -20.38 23.37
CA PRO B 26 1.86 -21.51 22.43
C PRO B 26 1.09 -21.24 21.12
N VAL B 27 0.63 -20.01 20.91
CA VAL B 27 -0.37 -19.71 19.89
C VAL B 27 0.13 -18.72 18.84
N ALA B 28 -0.06 -19.09 17.57
CA ALA B 28 0.11 -18.19 16.42
C ALA B 28 -1.26 -17.91 15.79
N ALA B 29 -1.42 -16.73 15.22
CA ALA B 29 -2.68 -16.33 14.60
C ALA B 29 -2.46 -15.70 13.23
N VAL B 30 -2.97 -16.36 12.21
CA VAL B 30 -3.02 -15.79 10.88
C VAL B 30 -4.39 -15.15 10.72
N THR B 31 -4.41 -13.83 10.50
CA THR B 31 -5.65 -13.05 10.31
C THR B 31 -6.15 -12.96 8.85
N LEU B 32 -5.38 -13.47 7.90
CA LEU B 32 -5.77 -13.58 6.50
C LEU B 32 -5.99 -12.19 5.84
N ALA B 33 -7.18 -11.97 5.29
CA ALA B 33 -7.54 -10.70 4.65
C ALA B 33 -7.87 -9.62 5.64
N SER B 34 -8.11 -10.00 6.92
CA SER B 34 -8.60 -9.06 7.92
C SER B 34 -7.50 -8.32 8.65
N HIS B 35 -7.93 -7.21 9.26
CA HIS B 35 -7.04 -6.32 9.91
C HIS B 35 -7.25 -6.29 11.41
N ILE B 36 -6.89 -7.40 12.06
CA ILE B 36 -7.21 -7.62 13.47
C ILE B 36 -6.04 -8.22 14.26
N GLU B 37 -4.81 -7.89 13.87
CA GLU B 37 -3.59 -8.54 14.39
C GLU B 37 -3.48 -8.35 15.91
N ASP B 38 -3.96 -7.19 16.38
CA ASP B 38 -3.92 -6.80 17.79
C ASP B 38 -4.73 -7.68 18.72
N ILE B 39 -5.84 -8.22 18.22
CA ILE B 39 -6.82 -8.86 19.12
C ILE B 39 -6.36 -10.24 19.67
N PRO B 40 -5.67 -11.07 18.86
CA PRO B 40 -4.94 -12.25 19.37
C PRO B 40 -3.74 -11.93 20.23
N ILE B 41 -3.04 -10.83 19.97
CA ILE B 41 -1.87 -10.44 20.78
C ILE B 41 -2.30 -10.04 22.18
N ASP B 42 -3.40 -9.30 22.28
CA ASP B 42 -3.94 -8.86 23.56
C ASP B 42 -4.67 -9.98 24.33
N ALA B 43 -4.95 -11.10 23.66
CA ALA B 43 -5.32 -12.36 24.34
C ALA B 43 -4.10 -13.25 24.61
N GLY B 44 -2.90 -12.77 24.26
CA GLY B 44 -1.64 -13.34 24.71
C GLY B 44 -0.98 -14.33 23.77
N ALA B 45 -1.15 -14.10 22.47
CA ALA B 45 -0.49 -14.91 21.44
C ALA B 45 0.99 -14.51 21.28
N ALA B 46 1.73 -15.41 20.62
CA ALA B 46 3.15 -15.26 20.41
C ALA B 46 3.43 -14.38 19.22
N ILE B 47 2.59 -14.51 18.19
CA ILE B 47 2.78 -13.79 16.94
C ILE B 47 1.47 -13.78 16.15
N ALA B 48 1.14 -12.64 15.57
CA ALA B 48 -0.09 -12.50 14.81
C ALA B 48 0.07 -11.52 13.65
N GLY B 49 -0.52 -11.87 12.51
CA GLY B 49 -0.35 -11.11 11.28
C GLY B 49 -1.32 -11.51 10.18
N PRO B 50 -1.43 -10.68 9.14
CA PRO B 50 -2.17 -11.11 7.97
C PRO B 50 -1.32 -12.02 7.08
N CYS B 51 -1.99 -12.82 6.24
CA CYS B 51 -1.36 -13.58 5.17
C CYS B 51 -2.32 -13.66 3.96
N LYS B 52 -1.92 -13.03 2.86
CA LYS B 52 -2.77 -12.84 1.70
C LYS B 52 -2.42 -13.69 0.47
N THR B 53 -1.25 -14.34 0.45
CA THR B 53 -0.87 -15.26 -0.66
C THR B 53 -0.71 -16.72 -0.24
N GLU B 54 -1.12 -17.60 -1.15
CA GLU B 54 -1.21 -19.05 -0.94
C GLU B 54 0.08 -19.79 -1.32
N ASN B 55 1.22 -19.09 -1.37
CA ASN B 55 2.52 -19.68 -1.71
C ASN B 55 3.64 -19.06 -0.89
N LEU B 56 4.14 -17.87 -1.26
CA LEU B 56 5.22 -17.22 -0.50
C LEU B 56 4.79 -16.80 0.90
N GLY B 57 3.55 -16.33 1.01
CA GLY B 57 3.00 -15.90 2.28
C GLY B 57 2.96 -17.05 3.26
N ILE B 58 2.47 -18.19 2.79
CA ILE B 58 2.37 -19.39 3.59
C ILE B 58 3.75 -19.87 4.00
N GLU B 59 4.70 -19.81 3.08
CA GLU B 59 6.08 -20.22 3.37
C GLU B 59 6.71 -19.39 4.50
N LYS B 60 6.44 -18.07 4.53
CA LYS B 60 6.95 -17.20 5.59
C LYS B 60 6.38 -17.55 6.95
N VAL B 61 5.09 -17.87 6.99
CA VAL B 61 4.40 -18.26 8.22
C VAL B 61 5.04 -19.52 8.79
N ILE B 62 5.18 -20.53 7.94
CA ILE B 62 5.66 -21.84 8.38
C ILE B 62 7.09 -21.76 8.88
N ALA B 63 7.95 -21.06 8.13
CA ALA B 63 9.33 -20.86 8.50
C ALA B 63 9.47 -20.20 9.86
N ASN B 64 8.60 -19.23 10.14
CA ASN B 64 8.61 -18.51 11.41
C ASN B 64 7.94 -19.26 12.58
N ILE B 65 7.12 -20.26 12.29
CA ILE B 65 6.54 -21.13 13.33
C ILE B 65 7.53 -22.21 13.75
N ILE B 66 8.03 -22.97 12.79
CA ILE B 66 8.91 -24.11 13.10
C ILE B 66 10.22 -23.71 13.80
N SER B 67 10.64 -22.46 13.62
CA SER B 67 11.82 -21.90 14.29
C SER B 67 11.57 -21.52 15.77
N ASN B 68 10.32 -21.55 16.21
CA ASN B 68 9.95 -21.46 17.62
C ASN B 68 9.18 -22.71 18.12
N PRO B 69 9.88 -23.68 18.75
CA PRO B 69 9.19 -24.90 19.19
C PRO B 69 8.07 -24.72 20.23
N ASN B 70 8.01 -23.57 20.90
CA ASN B 70 6.95 -23.28 21.88
C ASN B 70 5.56 -23.22 21.29
N ILE B 71 5.49 -22.88 20.00
CA ILE B 71 4.21 -22.71 19.30
C ILE B 71 3.61 -24.07 18.91
N ARG B 72 2.47 -24.39 19.50
CA ARG B 72 1.77 -25.65 19.26
C ARG B 72 0.38 -25.47 18.66
N PHE B 73 -0.03 -24.22 18.40
CA PHE B 73 -1.35 -23.92 17.86
C PHE B 73 -1.26 -22.85 16.81
N LEU B 74 -2.00 -23.03 15.72
CA LEU B 74 -2.13 -22.02 14.69
C LEU B 74 -3.60 -21.73 14.45
N VAL B 75 -4.02 -20.55 14.92
CA VAL B 75 -5.36 -20.07 14.67
C VAL B 75 -5.38 -19.45 13.29
N LEU B 76 -6.43 -19.81 12.54
CA LEU B 76 -6.75 -19.18 11.26
C LEU B 76 -8.04 -18.42 11.46
N CYS B 77 -7.93 -17.10 11.45
CA CYS B 77 -9.07 -16.24 11.68
C CYS B 77 -9.16 -15.12 10.65
N GLY B 78 -10.23 -14.35 10.74
CA GLY B 78 -10.46 -13.24 9.81
C GLY B 78 -10.98 -13.70 8.47
N SER B 79 -11.34 -12.75 7.61
CA SER B 79 -11.99 -13.06 6.33
C SER B 79 -11.05 -13.81 5.42
N GLU B 80 -11.60 -14.76 4.67
CA GLU B 80 -10.83 -15.53 3.71
C GLU B 80 -10.47 -14.63 2.55
N VAL B 81 -9.28 -14.87 2.00
CA VAL B 81 -8.72 -14.06 0.93
C VAL B 81 -9.37 -14.58 -0.32
N GLN B 82 -10.07 -13.72 -1.06
CA GLN B 82 -10.81 -14.15 -2.22
C GLN B 82 -9.80 -14.58 -3.32
N GLY B 83 -10.09 -15.70 -3.99
CA GLY B 83 -9.25 -16.19 -5.10
C GLY B 83 -7.93 -16.89 -4.77
N HIS B 84 -7.10 -16.20 -4.00
CA HIS B 84 -5.92 -16.81 -3.38
C HIS B 84 -6.24 -17.95 -2.42
N ILE B 85 -7.30 -17.74 -1.62
CA ILE B 85 -7.84 -18.73 -0.67
C ILE B 85 -6.74 -19.28 0.22
N VAL B 86 -6.15 -18.43 1.05
CA VAL B 86 -4.97 -18.79 1.87
C VAL B 86 -5.34 -19.73 3.00
N GLY B 87 -6.45 -19.41 3.65
CA GLY B 87 -6.93 -20.16 4.80
C GLY B 87 -7.13 -21.62 4.51
N GLN B 88 -8.02 -21.88 3.55
CA GLN B 88 -8.33 -23.25 3.17
C GLN B 88 -7.10 -23.95 2.57
N SER B 89 -6.25 -23.20 1.85
CA SER B 89 -5.03 -23.78 1.30
C SER B 89 -4.09 -24.24 2.39
N MET B 90 -4.00 -23.48 3.47
CA MET B 90 -3.14 -23.86 4.59
C MET B 90 -3.63 -25.08 5.36
N LYS B 91 -4.95 -25.15 5.58
CA LYS B 91 -5.58 -26.33 6.21
C LYS B 91 -5.25 -27.60 5.44
N ALA B 92 -5.39 -27.50 4.12
CA ALA B 92 -5.11 -28.59 3.21
C ALA B 92 -3.64 -28.97 3.24
N LEU B 93 -2.75 -27.98 3.30
CA LEU B 93 -1.32 -28.26 3.40
C LEU B 93 -0.96 -29.02 4.68
N HIS B 94 -1.52 -28.59 5.80
CA HIS B 94 -1.28 -29.25 7.08
C HIS B 94 -1.69 -30.72 7.04
N LYS B 95 -2.90 -30.95 6.53
CA LYS B 95 -3.49 -32.28 6.51
C LYS B 95 -2.90 -33.19 5.45
N ASN B 96 -2.76 -32.69 4.22
CA ASN B 96 -2.40 -33.51 3.05
C ASN B 96 -0.95 -33.40 2.55
N GLY B 97 -0.25 -32.34 2.95
CA GLY B 97 1.08 -32.09 2.45
C GLY B 97 1.12 -31.70 0.99
N VAL B 98 2.29 -31.87 0.37
CA VAL B 98 2.46 -31.48 -1.05
C VAL B 98 2.70 -32.67 -1.97
N ASP B 99 2.26 -32.49 -3.21
CA ASP B 99 2.44 -33.46 -4.28
C ASP B 99 3.87 -33.22 -4.85
N ASP B 100 4.38 -34.15 -5.66
CA ASP B 100 5.77 -34.08 -6.15
C ASP B 100 6.10 -32.98 -7.22
N LYS B 101 5.11 -32.18 -7.63
CA LYS B 101 5.31 -30.88 -8.33
C LYS B 101 5.35 -29.71 -7.30
N ARG B 102 5.36 -30.04 -6.01
CA ARG B 102 5.22 -29.07 -4.90
C ARG B 102 3.90 -28.30 -4.87
N LYS B 103 2.85 -28.87 -5.43
CA LYS B 103 1.51 -28.33 -5.28
C LYS B 103 0.91 -28.85 -3.98
N ILE B 104 0.11 -28.03 -3.32
CA ILE B 104 -0.61 -28.41 -2.11
C ILE B 104 -1.81 -29.22 -2.50
N ILE B 105 -1.90 -30.42 -1.94
CA ILE B 105 -2.98 -31.33 -2.24
C ILE B 105 -4.25 -30.86 -1.57
N GLY B 106 -5.34 -30.82 -2.33
CA GLY B 106 -6.64 -30.43 -1.82
C GLY B 106 -6.93 -28.94 -1.79
N ALA B 107 -5.92 -28.11 -2.05
CA ALA B 107 -6.05 -26.64 -1.90
C ALA B 107 -6.78 -26.01 -3.06
N LYS B 108 -7.77 -25.19 -2.74
CA LYS B 108 -8.57 -24.47 -3.75
C LYS B 108 -7.88 -23.20 -4.25
N GLY B 109 -6.83 -22.76 -3.54
CA GLY B 109 -6.10 -21.56 -3.90
C GLY B 109 -5.58 -21.64 -5.32
N ALA B 110 -5.54 -20.51 -6.00
CA ALA B 110 -5.22 -20.45 -7.41
C ALA B 110 -3.81 -20.89 -7.81
N ILE B 111 -2.80 -20.60 -6.98
CA ILE B 111 -1.40 -21.01 -7.24
C ILE B 111 -0.81 -21.56 -5.93
N PRO B 112 -1.29 -22.72 -5.47
CA PRO B 112 -0.90 -23.23 -4.17
C PRO B 112 0.41 -24.04 -4.20
N TYR B 113 1.54 -23.38 -4.46
CA TYR B 113 2.84 -24.04 -4.66
C TYR B 113 3.88 -23.63 -3.61
N ILE B 114 4.50 -24.62 -2.99
CA ILE B 114 5.55 -24.40 -2.02
C ILE B 114 6.90 -24.77 -2.64
N GLU B 115 7.53 -23.76 -3.21
CA GLU B 115 8.76 -23.90 -3.98
C GLU B 115 10.03 -23.91 -3.13
N ASN B 116 10.00 -23.23 -1.99
CA ASN B 116 11.20 -22.84 -1.25
C ASN B 116 11.51 -23.60 0.03
N LEU B 117 10.48 -24.15 0.68
CA LEU B 117 10.71 -24.97 1.86
C LEU B 117 11.03 -26.41 1.47
N PRO B 118 11.97 -27.05 2.18
CA PRO B 118 12.20 -28.46 1.95
C PRO B 118 11.06 -29.31 2.54
N GLU B 119 11.09 -30.61 2.26
CA GLU B 119 10.04 -31.52 2.72
C GLU B 119 10.07 -31.66 4.25
N GLU B 120 11.25 -31.92 4.82
CA GLU B 120 11.41 -32.02 6.29
C GLU B 120 10.80 -30.85 7.05
N ALA B 121 10.87 -29.66 6.48
CA ALA B 121 10.27 -28.47 7.08
C ALA B 121 8.75 -28.50 7.11
N LEU B 122 8.11 -29.20 6.17
CA LEU B 122 6.64 -29.35 6.20
C LEU B 122 6.18 -30.40 7.17
N GLU B 123 6.86 -31.54 7.19
CA GLU B 123 6.52 -32.63 8.13
C GLU B 123 6.59 -32.12 9.57
N ARG B 124 7.63 -31.34 9.85
CA ARG B 124 7.75 -30.63 11.12
C ARG B 124 6.55 -29.74 11.42
N PHE B 125 6.13 -28.94 10.45
CA PHE B 125 4.93 -28.10 10.58
C PHE B 125 3.68 -28.94 10.86
N GLN B 126 3.56 -30.11 10.25
CA GLN B 126 2.37 -30.94 10.45
C GLN B 126 2.36 -31.58 11.83
N LYS B 127 3.54 -31.94 12.34
CA LYS B 127 3.65 -32.53 13.68
C LYS B 127 3.66 -31.50 14.83
N GLN B 128 4.30 -30.34 14.61
CA GLN B 128 4.47 -29.33 15.67
C GLN B 128 3.14 -28.74 16.13
N VAL B 129 2.43 -28.09 15.21
CA VAL B 129 1.16 -27.42 15.54
C VAL B 129 -0.04 -28.25 15.15
N GLU B 130 -1.16 -27.86 15.75
CA GLU B 130 -2.48 -28.31 15.35
C GLU B 130 -3.17 -27.02 14.88
N ILE B 131 -4.16 -27.19 14.01
CA ILE B 131 -4.86 -26.06 13.40
C ILE B 131 -6.22 -25.79 14.04
N VAL B 132 -6.53 -24.50 14.15
CA VAL B 132 -7.77 -24.04 14.75
C VAL B 132 -8.50 -23.13 13.77
N ASP B 133 -9.62 -23.62 13.27
CA ASP B 133 -10.33 -22.98 12.17
C ASP B 133 -11.32 -21.96 12.69
N LEU B 134 -11.00 -20.68 12.51
CA LEU B 134 -11.95 -19.58 12.76
C LEU B 134 -12.05 -18.69 11.53
N ILE B 135 -12.06 -19.33 10.37
CA ILE B 135 -11.99 -18.64 9.10
C ILE B 135 -13.33 -17.97 8.85
N ASP B 136 -13.27 -16.70 8.44
CA ASP B 136 -14.44 -15.80 8.27
C ASP B 136 -15.15 -15.41 9.58
N VAL B 137 -14.45 -15.55 10.70
CA VAL B 137 -14.89 -15.04 12.00
C VAL B 137 -13.96 -13.90 12.36
N GLU B 138 -14.53 -12.69 12.47
CA GLU B 138 -13.82 -11.51 12.99
C GLU B 138 -14.24 -11.09 14.40
N ASP B 139 -15.39 -11.58 14.91
CA ASP B 139 -15.83 -11.33 16.33
C ASP B 139 -14.67 -11.44 17.32
N ALA B 140 -14.46 -10.40 18.11
CA ALA B 140 -13.32 -10.33 18.99
C ALA B 140 -13.42 -11.33 20.14
N ASP B 141 -14.53 -11.26 20.89
CA ASP B 141 -14.79 -12.14 22.03
C ASP B 141 -14.51 -13.61 21.71
N GLN B 142 -14.92 -14.02 20.51
CA GLN B 142 -14.67 -15.37 19.97
C GLN B 142 -13.20 -15.73 19.77
N ILE B 143 -12.49 -14.85 19.06
CA ILE B 143 -11.08 -15.06 18.77
C ILE B 143 -10.30 -15.09 20.09
N LYS B 144 -10.65 -14.19 21.03
CA LYS B 144 -9.97 -14.14 22.32
C LYS B 144 -10.15 -15.45 23.07
N GLU B 145 -11.39 -15.89 23.22
CA GLU B 145 -11.71 -17.15 23.93
C GLU B 145 -11.05 -18.39 23.39
N LYS B 146 -10.92 -18.48 22.07
CA LYS B 146 -10.17 -19.61 21.50
C LYS B 146 -8.69 -19.51 21.85
N VAL B 147 -8.12 -18.30 21.80
CA VAL B 147 -6.71 -18.16 22.11
C VAL B 147 -6.46 -18.52 23.57
N LYS B 148 -7.38 -18.17 24.47
CA LYS B 148 -7.17 -18.42 25.90
C LYS B 148 -7.37 -19.89 26.22
N GLU B 149 -8.31 -20.51 25.51
CA GLU B 149 -8.49 -21.96 25.55
C GLU B 149 -7.20 -22.72 25.19
N CYS B 150 -6.60 -22.38 24.06
CA CYS B 150 -5.31 -22.94 23.65
C CYS B 150 -4.24 -22.78 24.72
N ILE B 151 -4.16 -21.60 25.30
CA ILE B 151 -3.16 -21.33 26.33
C ILE B 151 -3.36 -22.27 27.50
N GLU B 152 -4.62 -22.49 27.89
CA GLU B 152 -4.95 -23.44 28.95
C GLU B 152 -4.55 -24.87 28.64
N LYS B 153 -4.55 -25.23 27.36
CA LYS B 153 -4.21 -26.59 26.90
C LYS B 153 -2.80 -26.69 26.32
N ASP B 154 -1.88 -25.87 26.83
CA ASP B 154 -0.52 -25.80 26.32
C ASP B 154 0.18 -27.13 26.67
N PRO B 155 0.58 -27.92 25.65
CA PRO B 155 1.37 -29.15 25.92
C PRO B 155 2.86 -28.91 26.13
N GLY B 156 3.32 -27.67 25.90
CA GLY B 156 4.72 -27.32 26.06
C GLY B 156 5.42 -27.39 24.73
N ALA B 157 6.72 -27.12 24.74
CA ALA B 157 7.51 -27.08 23.53
C ALA B 157 7.59 -28.44 22.85
N PHE B 158 7.73 -28.40 21.54
CA PHE B 158 7.77 -29.61 20.71
C PHE B 158 9.16 -30.26 20.75
N GLU B 159 9.19 -31.60 20.69
CA GLU B 159 10.41 -32.41 20.81
C GLU B 159 10.69 -33.03 19.44
N GLU B 160 11.89 -32.76 18.92
CA GLU B 160 12.14 -32.59 17.47
C GLU B 160 11.49 -33.60 16.50
N HIS C 3 0.43 -16.01 -40.58
CA HIS C 3 1.64 -16.71 -40.02
C HIS C 3 2.94 -16.06 -40.53
N MET C 4 4.09 -16.50 -39.99
CA MET C 4 5.44 -16.15 -40.49
C MET C 4 5.75 -14.68 -40.22
N VAL C 5 5.34 -14.21 -39.05
CA VAL C 5 5.20 -12.77 -38.74
C VAL C 5 6.51 -12.10 -38.39
N LYS C 6 6.68 -10.83 -38.80
CA LYS C 6 7.93 -10.07 -38.65
C LYS C 6 8.11 -9.58 -37.23
N LYS C 7 9.22 -9.92 -36.59
CA LYS C 7 9.51 -9.52 -35.20
C LYS C 7 10.91 -8.92 -35.10
N LYS C 8 11.06 -7.83 -34.35
CA LYS C 8 12.36 -7.23 -34.07
C LYS C 8 12.66 -7.41 -32.60
N GLU C 9 13.91 -7.21 -32.24
CA GLU C 9 14.31 -7.38 -30.87
C GLU C 9 14.03 -6.10 -30.09
N PRO C 10 13.45 -6.21 -28.87
CA PRO C 10 13.20 -5.00 -28.06
C PRO C 10 14.49 -4.40 -27.51
N ALA C 11 14.45 -3.14 -27.06
CA ALA C 11 15.61 -2.47 -26.41
C ALA C 11 16.26 -3.37 -25.33
N GLU C 12 17.59 -3.28 -25.18
CA GLU C 12 18.29 -4.11 -24.20
C GLU C 12 17.74 -3.89 -22.79
N GLY C 13 17.61 -4.97 -22.02
CA GLY C 13 17.05 -4.93 -20.67
C GLY C 13 15.59 -4.46 -20.59
N TRP C 14 14.82 -4.72 -21.65
CA TRP C 14 13.41 -4.34 -21.70
C TRP C 14 12.65 -5.23 -20.70
N PRO C 15 11.67 -4.71 -19.95
CA PRO C 15 11.27 -3.28 -19.90
C PRO C 15 12.25 -2.46 -19.08
N VAL C 16 12.65 -1.30 -19.60
CA VAL C 16 13.77 -0.55 -19.00
C VAL C 16 13.33 0.22 -17.73
N VAL C 17 12.09 0.71 -17.74
CA VAL C 17 11.53 1.54 -16.69
C VAL C 17 10.82 0.68 -15.65
N SER C 18 11.33 0.71 -14.42
CA SER C 18 10.64 0.14 -13.26
C SER C 18 9.15 0.50 -13.17
N GLY C 19 8.38 -0.45 -12.66
CA GLY C 19 6.95 -0.25 -12.45
C GLY C 19 6.30 -1.49 -11.89
N ASP C 20 4.97 -1.45 -11.75
CA ASP C 20 4.17 -2.58 -11.31
C ASP C 20 3.55 -3.21 -12.56
N TYR C 21 4.13 -4.33 -13.00
CA TYR C 21 3.62 -5.07 -14.16
C TYR C 21 4.12 -6.51 -14.12
N ILE C 22 3.53 -7.34 -14.98
CA ILE C 22 3.99 -8.70 -15.21
C ILE C 22 4.51 -8.67 -16.66
N VAL C 23 5.74 -9.12 -16.86
CA VAL C 23 6.29 -9.30 -18.21
C VAL C 23 5.91 -10.71 -18.69
N GLY C 24 5.44 -10.81 -19.93
CA GLY C 24 5.09 -12.08 -20.57
C GLY C 24 6.04 -12.35 -21.74
N ASP C 25 5.48 -12.73 -22.88
CA ASP C 25 6.26 -12.99 -24.10
C ASP C 25 6.72 -11.66 -24.73
N PRO C 26 8.04 -11.36 -24.69
CA PRO C 26 8.47 -10.06 -25.27
C PRO C 26 8.17 -9.84 -26.77
N GLU C 27 7.80 -10.91 -27.48
CA GLU C 27 7.41 -10.79 -28.88
C GLU C 27 5.90 -10.74 -29.14
N SER C 28 5.09 -10.91 -28.09
CA SER C 28 3.65 -10.75 -28.22
C SER C 28 3.30 -9.32 -28.65
N PRO C 29 2.25 -9.15 -29.49
CA PRO C 29 1.95 -7.79 -29.97
C PRO C 29 1.12 -6.93 -29.02
N VAL C 30 0.76 -7.45 -27.84
CA VAL C 30 -0.30 -6.88 -27.01
C VAL C 30 0.20 -6.44 -25.64
N ALA C 31 -0.14 -5.19 -25.29
CA ALA C 31 0.02 -4.64 -23.95
C ALA C 31 -1.37 -4.42 -23.32
N ALA C 32 -1.46 -4.60 -22.00
CA ALA C 32 -2.72 -4.46 -21.27
C ALA C 32 -2.55 -3.59 -20.01
N VAL C 33 -3.22 -2.45 -20.01
CA VAL C 33 -3.33 -1.62 -18.83
C VAL C 33 -4.64 -2.03 -18.16
N THR C 34 -4.54 -2.53 -16.93
CA THR C 34 -5.70 -2.93 -16.10
C THR C 34 -6.31 -1.81 -15.22
N LEU C 35 -5.68 -0.63 -15.19
CA LEU C 35 -6.22 0.58 -14.55
C LEU C 35 -6.36 0.39 -13.02
N ALA C 36 -7.58 0.59 -12.49
CA ALA C 36 -7.86 0.43 -11.07
C ALA C 36 -7.99 -1.03 -10.65
N SER C 37 -8.12 -1.96 -11.62
CA SER C 37 -8.42 -3.34 -11.34
C SER C 37 -7.19 -4.16 -11.15
N HIS C 38 -7.42 -5.28 -10.49
CA HIS C 38 -6.37 -6.16 -10.11
C HIS C 38 -6.43 -7.50 -10.87
N ILE C 39 -6.15 -7.42 -12.17
CA ILE C 39 -6.37 -8.53 -13.09
C ILE C 39 -5.21 -8.71 -14.07
N GLU C 40 -3.99 -8.39 -13.63
CA GLU C 40 -2.81 -8.35 -14.49
C GLU C 40 -2.50 -9.74 -15.11
N ASP C 41 -2.79 -10.80 -14.34
CA ASP C 41 -2.60 -12.20 -14.75
C ASP C 41 -3.43 -12.66 -15.94
N ILE C 42 -4.63 -12.12 -16.10
CA ILE C 42 -5.58 -12.62 -17.10
C ILE C 42 -5.14 -12.37 -18.55
N PRO C 43 -4.64 -11.15 -18.86
CA PRO C 43 -4.04 -10.88 -20.17
C PRO C 43 -2.74 -11.62 -20.42
N ILE C 44 -1.96 -11.87 -19.38
CA ILE C 44 -0.69 -12.61 -19.51
C ILE C 44 -0.94 -14.06 -19.87
N ASP C 45 -1.94 -14.68 -19.24
CA ASP C 45 -2.31 -16.06 -19.53
C ASP C 45 -3.09 -16.26 -20.85
N ALA C 46 -3.55 -15.15 -21.45
CA ALA C 46 -3.99 -15.10 -22.85
C ALA C 46 -2.85 -14.72 -23.80
N GLY C 47 -1.65 -14.50 -23.27
CA GLY C 47 -0.43 -14.39 -24.05
C GLY C 47 0.02 -13.01 -24.43
N ALA C 48 -0.24 -12.05 -23.55
CA ALA C 48 0.24 -10.68 -23.74
C ALA C 48 1.72 -10.56 -23.39
N ALA C 49 2.30 -9.45 -23.84
CA ALA C 49 3.71 -9.14 -23.65
C ALA C 49 3.98 -8.54 -22.29
N ILE C 50 3.05 -7.71 -21.83
CA ILE C 50 3.18 -6.98 -20.58
C ILE C 50 1.81 -6.49 -20.10
N ALA C 51 1.54 -6.65 -18.82
CA ALA C 51 0.25 -6.23 -18.23
C ALA C 51 0.44 -5.73 -16.81
N GLY C 52 -0.28 -4.65 -16.47
CA GLY C 52 -0.14 -3.99 -15.19
C GLY C 52 -1.24 -2.98 -14.91
N PRO C 53 -1.35 -2.52 -13.65
CA PRO C 53 -2.26 -1.44 -13.38
C PRO C 53 -1.60 -0.11 -13.73
N CYS C 54 -2.43 0.90 -13.96
CA CYS C 54 -1.99 2.30 -14.07
C CYS C 54 -3.05 3.22 -13.46
N LYS C 55 -2.68 3.90 -12.35
CA LYS C 55 -3.61 4.68 -11.54
C LYS C 55 -3.46 6.21 -11.64
N THR C 56 -2.37 6.72 -12.25
CA THR C 56 -2.20 8.18 -12.47
C THR C 56 -2.15 8.62 -13.93
N GLU C 57 -2.75 9.78 -14.19
CA GLU C 57 -2.98 10.32 -15.53
C GLU C 57 -1.83 11.20 -16.04
N ASN C 58 -0.63 11.03 -15.48
CA ASN C 58 0.56 11.81 -15.87
C ASN C 58 1.82 10.95 -15.81
N LEU C 59 2.40 10.72 -14.62
CA LEU C 59 3.61 9.88 -14.51
C LEU C 59 3.35 8.42 -14.83
N GLY C 60 2.18 7.91 -14.43
CA GLY C 60 1.82 6.53 -14.70
C GLY C 60 1.72 6.27 -16.18
N ILE C 61 1.06 7.20 -16.88
CA ILE C 61 0.93 7.14 -18.34
C ILE C 61 2.28 7.25 -19.03
N GLU C 62 3.16 8.14 -18.55
CA GLU C 62 4.51 8.28 -19.11
C GLU C 62 5.33 6.98 -19.01
N LYS C 63 5.20 6.26 -17.90
CA LYS C 63 5.89 4.97 -17.74
C LYS C 63 5.40 3.90 -18.71
N VAL C 64 4.09 3.86 -18.94
CA VAL C 64 3.47 2.93 -19.91
C VAL C 64 4.00 3.16 -21.32
N ILE C 65 3.95 4.43 -21.76
CA ILE C 65 4.35 4.81 -23.11
C ILE C 65 5.84 4.54 -23.36
N ALA C 66 6.68 4.93 -22.40
CA ALA C 66 8.11 4.69 -22.49
C ALA C 66 8.46 3.20 -22.63
N ASN C 67 7.73 2.36 -21.91
CA ASN C 67 7.94 0.91 -21.95
C ASN C 67 7.29 0.21 -23.17
N ILE C 68 6.35 0.86 -23.84
CA ILE C 68 5.77 0.34 -25.11
C ILE C 68 6.69 0.67 -26.30
N ILE C 69 7.01 1.95 -26.47
CA ILE C 69 7.80 2.40 -27.63
C ILE C 69 9.19 1.78 -27.72
N SER C 70 9.74 1.34 -26.57
CA SER C 70 11.02 0.64 -26.51
C SER C 70 10.95 -0.83 -26.95
N ASN C 71 9.73 -1.37 -27.14
CA ASN C 71 9.51 -2.68 -27.79
C ASN C 71 8.66 -2.59 -29.09
N PRO C 72 9.32 -2.59 -30.28
CA PRO C 72 8.56 -2.37 -31.52
C PRO C 72 7.57 -3.49 -31.87
N ASN C 73 7.72 -4.67 -31.25
CA ASN C 73 6.77 -5.77 -31.45
C ASN C 73 5.32 -5.46 -31.02
N ILE C 74 5.16 -4.54 -30.07
CA ILE C 74 3.85 -4.22 -29.50
C ILE C 74 3.10 -3.28 -30.42
N ARG C 75 1.97 -3.77 -30.93
CA ARG C 75 1.11 -3.01 -31.83
C ARG C 75 -0.31 -2.79 -31.31
N PHE C 76 -0.60 -3.28 -30.11
CA PHE C 76 -1.92 -3.15 -29.51
C PHE C 76 -1.80 -2.79 -28.04
N LEU C 77 -2.67 -1.88 -27.60
CA LEU C 77 -2.78 -1.53 -26.20
C LEU C 77 -4.22 -1.68 -25.74
N VAL C 78 -4.46 -2.73 -24.97
CA VAL C 78 -5.76 -2.96 -24.39
C VAL C 78 -5.84 -2.10 -23.13
N LEU C 79 -6.97 -1.41 -23.00
CA LEU C 79 -7.36 -0.69 -21.78
C LEU C 79 -8.53 -1.45 -21.17
N CYS C 80 -8.28 -2.12 -20.05
CA CYS C 80 -9.30 -2.92 -19.40
C CYS C 80 -9.36 -2.64 -17.89
N GLY C 81 -10.33 -3.26 -17.22
CA GLY C 81 -10.55 -3.07 -15.79
C GLY C 81 -11.27 -1.78 -15.48
N SER C 82 -11.60 -1.58 -14.20
CA SER C 82 -12.37 -0.41 -13.78
C SER C 82 -11.59 0.88 -13.97
N GLU C 83 -12.30 1.93 -14.37
CA GLU C 83 -11.71 3.24 -14.56
C GLU C 83 -11.35 3.80 -13.19
N VAL C 84 -10.23 4.53 -13.16
CA VAL C 84 -9.68 5.13 -11.94
C VAL C 84 -10.49 6.38 -11.68
N GLN C 85 -11.16 6.47 -10.53
CA GLN C 85 -12.08 7.55 -10.28
C GLN C 85 -11.25 8.83 -10.15
N GLY C 86 -11.72 9.94 -10.73
CA GLY C 86 -11.07 11.26 -10.60
C GLY C 86 -9.80 11.52 -11.43
N HIS C 87 -8.83 10.64 -11.27
CA HIS C 87 -7.65 10.58 -12.16
C HIS C 87 -8.01 10.30 -13.61
N ILE C 88 -8.95 9.38 -13.80
CA ILE C 88 -9.53 9.00 -15.11
C ILE C 88 -8.39 8.69 -16.10
N VAL C 89 -7.63 7.62 -15.82
CA VAL C 89 -6.42 7.29 -16.62
C VAL C 89 -6.79 6.74 -17.99
N GLY C 90 -7.78 5.86 -18.01
CA GLY C 90 -8.26 5.22 -19.23
C GLY C 90 -8.63 6.21 -20.29
N GLN C 91 -9.62 7.04 -19.99
CA GLN C 91 -10.13 8.01 -20.93
C GLN C 91 -9.05 9.03 -21.27
N SER C 92 -8.20 9.37 -20.32
CA SER C 92 -7.10 10.29 -20.58
C SER C 92 -6.11 9.73 -21.59
N MET C 93 -5.85 8.43 -21.53
CA MET C 93 -4.94 7.81 -22.50
C MET C 93 -5.48 7.71 -23.90
N LYS C 94 -6.76 7.38 -24.01
CA LYS C 94 -7.46 7.39 -25.28
C LYS C 94 -7.36 8.74 -26.00
N ALA C 95 -7.61 9.78 -25.21
CA ALA C 95 -7.54 11.14 -25.68
C ALA C 95 -6.13 11.50 -26.09
N LEU C 96 -5.14 11.06 -25.32
CA LEU C 96 -3.74 11.32 -25.68
C LEU C 96 -3.35 10.68 -27.01
N HIS C 97 -3.75 9.43 -27.22
CA HIS C 97 -3.46 8.72 -28.46
C HIS C 97 -4.04 9.45 -29.67
N LYS C 98 -5.32 9.81 -29.56
CA LYS C 98 -6.02 10.39 -30.68
C LYS C 98 -5.68 11.88 -30.90
N ASN C 99 -5.57 12.67 -29.83
CA ASN C 99 -5.40 14.14 -29.95
C ASN C 99 -4.02 14.70 -29.67
N GLY C 100 -3.18 13.93 -28.99
CA GLY C 100 -1.87 14.40 -28.55
C GLY C 100 -1.92 15.46 -27.46
N VAL C 101 -0.85 16.24 -27.33
CA VAL C 101 -0.76 17.26 -26.27
C VAL C 101 -0.74 18.68 -26.81
N ASP C 102 -1.26 19.58 -25.99
CA ASP C 102 -1.29 21.02 -26.27
C ASP C 102 0.08 21.58 -25.83
N ASP C 103 0.41 22.81 -26.20
CA ASP C 103 1.75 23.37 -25.94
C ASP C 103 2.14 23.70 -24.47
N LYS C 104 1.21 23.51 -23.54
CA LYS C 104 1.50 23.46 -22.09
C LYS C 104 1.75 22.03 -21.63
N ARG C 105 1.84 21.10 -22.59
CA ARG C 105 1.90 19.66 -22.35
C ARG C 105 0.69 19.08 -21.64
N LYS C 106 -0.48 19.71 -21.80
CA LYS C 106 -1.74 19.11 -21.35
C LYS C 106 -2.27 18.20 -22.44
N ILE C 107 -2.90 17.10 -22.02
CA ILE C 107 -3.55 16.17 -22.95
C ILE C 107 -4.87 16.76 -23.39
N ILE C 108 -5.02 16.89 -24.70
CA ILE C 108 -6.23 17.47 -25.27
C ILE C 108 -7.39 16.48 -25.15
N GLY C 109 -8.54 16.97 -24.68
CA GLY C 109 -9.73 16.15 -24.54
C GLY C 109 -9.84 15.30 -23.28
N ALA C 110 -8.77 15.20 -22.49
CA ALA C 110 -8.71 14.32 -21.32
C ALA C 110 -9.49 14.90 -20.15
N LYS C 111 -10.35 14.07 -19.54
CA LYS C 111 -11.15 14.43 -18.36
C LYS C 111 -10.38 14.26 -17.03
N GLY C 112 -9.24 13.58 -17.08
CA GLY C 112 -8.38 13.41 -15.92
C GLY C 112 -7.99 14.72 -15.28
N ALA C 113 -7.88 14.72 -13.96
CA ALA C 113 -7.71 15.96 -13.19
C ALA C 113 -6.41 16.71 -13.42
N ILE C 114 -5.31 16.00 -13.65
CA ILE C 114 -3.99 16.61 -13.92
C ILE C 114 -3.36 15.86 -15.10
N PRO C 115 -3.93 16.01 -16.31
CA PRO C 115 -3.46 15.23 -17.43
C PRO C 115 -2.26 15.87 -18.18
N TYR C 116 -1.10 15.89 -17.52
CA TYR C 116 0.09 16.59 -18.06
C TYR C 116 1.28 15.64 -18.29
N ILE C 117 1.87 15.74 -19.47
CA ILE C 117 3.04 14.95 -19.83
C ILE C 117 4.24 15.83 -19.91
N GLU C 118 4.94 15.91 -18.78
CA GLU C 118 6.06 16.84 -18.61
C GLU C 118 7.39 16.23 -19.04
N ASN C 119 7.51 14.90 -19.03
CA ASN C 119 8.81 14.20 -19.16
C ASN C 119 9.15 13.54 -20.50
N LEU C 120 8.15 13.13 -21.26
CA LEU C 120 8.40 12.59 -22.60
C LEU C 120 8.51 13.70 -23.63
N PRO C 121 9.44 13.55 -24.59
CA PRO C 121 9.48 14.51 -25.70
C PRO C 121 8.32 14.29 -26.71
N GLU C 122 8.18 15.21 -27.67
CA GLU C 122 7.11 15.14 -28.67
C GLU C 122 7.27 13.90 -29.58
N GLU C 123 8.46 13.70 -30.14
CA GLU C 123 8.77 12.53 -30.99
C GLU C 123 8.36 11.20 -30.35
N ALA C 124 8.51 11.09 -29.03
CA ALA C 124 8.09 9.89 -28.29
C ALA C 124 6.57 9.69 -28.26
N LEU C 125 5.79 10.75 -28.35
CA LEU C 125 4.32 10.61 -28.45
C LEU C 125 3.82 10.26 -29.83
N GLU C 126 4.38 10.91 -30.86
CA GLU C 126 4.02 10.63 -32.25
C GLU C 126 4.28 9.16 -32.57
N ARG C 127 5.42 8.65 -32.10
CA ARG C 127 5.74 7.24 -32.14
C ARG C 127 4.67 6.36 -31.48
N PHE C 128 4.25 6.73 -30.27
CA PHE C 128 3.17 6.02 -29.57
C PHE C 128 1.86 6.04 -30.37
N GLN C 129 1.55 7.14 -31.03
CA GLN C 129 0.30 7.24 -31.80
C GLN C 129 0.36 6.38 -33.05
N LYS C 130 1.52 6.30 -33.70
CA LYS C 130 1.70 5.46 -34.89
C LYS C 130 1.95 3.96 -34.61
N GLN C 131 2.66 3.66 -33.53
CA GLN C 131 3.05 2.27 -33.23
C GLN C 131 1.85 1.40 -32.90
N VAL C 132 1.13 1.76 -31.85
CA VAL C 132 -0.01 0.96 -31.40
C VAL C 132 -1.33 1.53 -31.86
N GLU C 133 -2.33 0.68 -31.77
CA GLU C 133 -3.72 1.05 -31.88
C GLU C 133 -4.32 0.70 -30.52
N ILE C 134 -5.40 1.40 -30.16
CA ILE C 134 -6.06 1.25 -28.85
C ILE C 134 -7.30 0.39 -28.89
N VAL C 135 -7.47 -0.40 -27.83
CA VAL C 135 -8.57 -1.31 -27.70
C VAL C 135 -9.28 -1.04 -26.39
N ASP C 136 -10.48 -0.50 -26.50
CA ASP C 136 -11.24 0.00 -25.34
C ASP C 136 -12.04 -1.14 -24.70
N LEU C 137 -11.61 -1.60 -23.53
CA LEU C 137 -12.40 -2.52 -22.68
C LEU C 137 -12.55 -1.94 -21.26
N ILE C 138 -12.72 -0.62 -21.20
CA ILE C 138 -12.68 0.11 -19.97
C ILE C 138 -13.96 -0.22 -19.21
N ASP C 139 -13.81 -0.53 -17.93
CA ASP C 139 -14.90 -0.98 -17.03
C ASP C 139 -15.46 -2.38 -17.34
N VAL C 140 -14.67 -3.17 -18.06
CA VAL C 140 -14.95 -4.57 -18.30
C VAL C 140 -13.88 -5.33 -17.55
N GLU C 141 -14.32 -6.11 -16.56
CA GLU C 141 -13.44 -7.05 -15.83
C GLU C 141 -13.71 -8.52 -16.17
N ASP C 142 -14.83 -8.84 -16.83
CA ASP C 142 -15.10 -10.22 -17.40
C ASP C 142 -13.85 -10.86 -18.06
N ALA C 143 -13.46 -12.04 -17.60
CA ALA C 143 -12.22 -12.68 -18.02
C ALA C 143 -12.32 -13.15 -19.46
N ASP C 144 -13.33 -13.96 -19.75
CA ASP C 144 -13.59 -14.50 -21.10
C ASP C 144 -13.48 -13.43 -22.18
N GLN C 145 -14.05 -12.26 -21.91
CA GLN C 145 -14.00 -11.07 -22.78
C GLN C 145 -12.62 -10.52 -23.02
N ILE C 146 -11.89 -10.28 -21.94
CA ILE C 146 -10.53 -9.75 -22.02
C ILE C 146 -9.63 -10.75 -22.75
N LYS C 147 -9.79 -12.05 -22.47
CA LYS C 147 -8.98 -13.09 -23.13
C LYS C 147 -9.22 -13.06 -24.63
N GLU C 148 -10.48 -13.14 -25.04
CA GLU C 148 -10.86 -13.14 -26.45
C GLU C 148 -10.39 -11.94 -27.24
N LYS C 149 -10.39 -10.77 -26.62
CA LYS C 149 -9.87 -9.59 -27.30
C LYS C 149 -8.35 -9.67 -27.45
N VAL C 150 -7.65 -10.22 -26.45
CA VAL C 150 -6.20 -10.40 -26.57
C VAL C 150 -5.86 -11.41 -27.66
N LYS C 151 -6.66 -12.47 -27.80
CA LYS C 151 -6.37 -13.51 -28.79
C LYS C 151 -6.69 -13.02 -30.19
N GLU C 152 -7.75 -12.22 -30.31
CA GLU C 152 -8.08 -11.50 -31.55
C GLU C 152 -6.89 -10.69 -32.06
N CYS C 153 -6.36 -9.85 -31.19
CA CYS C 153 -5.18 -9.04 -31.51
C CYS C 153 -3.99 -9.87 -31.96
N ILE C 154 -3.75 -10.97 -31.28
CA ILE C 154 -2.66 -11.87 -31.64
C ILE C 154 -2.85 -12.42 -33.05
N GLU C 155 -4.10 -12.80 -33.37
CA GLU C 155 -4.46 -13.25 -34.74
C GLU C 155 -4.21 -12.19 -35.81
N LYS C 156 -4.36 -10.91 -35.46
CA LYS C 156 -4.21 -9.77 -36.39
C LYS C 156 -2.87 -9.06 -36.25
N ASP C 157 -1.83 -9.80 -35.86
CA ASP C 157 -0.53 -9.22 -35.59
C ASP C 157 0.06 -8.74 -36.92
N PRO C 158 0.25 -7.41 -37.08
CA PRO C 158 0.93 -6.90 -38.27
C PRO C 158 2.46 -7.01 -38.24
N GLY C 159 3.04 -7.40 -37.09
CA GLY C 159 4.49 -7.53 -36.96
C GLY C 159 5.06 -6.27 -36.38
N ALA C 160 6.38 -6.24 -36.20
CA ALA C 160 7.06 -5.13 -35.56
C ALA C 160 6.95 -3.85 -36.36
N PHE C 161 6.97 -2.73 -35.65
CA PHE C 161 6.80 -1.40 -36.24
C PHE C 161 8.12 -0.84 -36.84
N GLU C 162 7.96 0.03 -37.86
CA GLU C 162 9.03 0.81 -38.54
C GLU C 162 9.23 2.25 -38.01
CO B12 D . -4.81 -0.19 11.64
N21 B12 D . -5.89 0.53 10.26
N22 B12 D . -6.30 -0.69 12.63
N23 B12 D . -3.63 -0.89 12.88
N24 B12 D . -3.39 0.02 10.52
C1 B12 D . -5.09 1.38 9.37
C20 B12 D . -4.65 2.69 10.01
C2 B12 D . -6.21 1.53 8.33
C25 B12 D . -5.94 2.68 7.37
C26 B12 D . -6.37 0.25 7.50
C27 B12 D . -7.62 0.11 6.65
O28 B12 D . -8.59 -0.51 7.06
N29 B12 D . -7.63 0.69 5.46
C3 B12 D . -7.47 1.71 9.20
C30 B12 D . -8.21 3.05 9.23
C31 B12 D . -9.54 2.97 8.48
C32 B12 D . -10.27 4.29 8.59
O34 B12 D . -11.18 4.44 9.39
N33 B12 D . -9.83 5.25 7.78
C4 B12 D . -7.09 1.29 10.63
C5 B12 D . -8.03 0.47 11.43
C35 B12 D . -9.47 0.60 10.98
C6 B12 D . -7.57 -0.28 12.45
C7 B12 D . -8.50 -0.78 13.53
C36 B12 D . -9.38 0.29 14.18
C37 B12 D . -9.31 -1.92 12.91
C38 B12 D . -10.08 -2.83 13.85
O39 B12 D . -9.48 -3.71 14.46
N40 B12 D . -11.38 -2.59 13.97
C8 B12 D . -7.57 -1.47 14.54
C41 B12 D . -7.51 -1.02 16.00
C42 B12 D . -6.85 0.30 16.37
C43 B12 D . -5.93 0.01 17.54
O44 B12 D . -6.32 -0.69 18.47
N45 B12 D . -4.70 0.53 17.49
C9 B12 D . -6.33 -1.67 13.69
C10 B12 D . -5.08 -2.06 14.41
C11 B12 D . -3.89 -1.70 13.92
C12 B12 D . -2.69 -2.31 14.59
C46 B12 D . -2.71 -3.75 14.10
C47 B12 D . -2.72 -2.35 16.11
C13 B12 D . -1.55 -1.58 13.91
C48 B12 D . -0.54 -0.98 14.91
C49 B12 D . 0.42 0.13 14.47
C50 B12 D . 0.31 1.42 15.26
O51 B12 D . -0.55 1.66 16.10
N52 B12 D . 1.26 2.30 14.96
C14 B12 D . -2.19 -0.64 12.89
C15 B12 D . -1.48 -0.74 11.58
C53 B12 D . -0.18 -1.49 11.45
C16 B12 D . -2.06 -0.14 10.54
C17 B12 D . -1.43 0.44 9.29
C54 B12 D . -0.68 -0.63 8.51
C55 B12 D . -0.51 1.52 9.81
C56 B12 D . 0.20 2.29 8.69
C57 B12 D . 1.60 2.64 9.14
O58 B12 D . 2.24 1.89 9.85
N59 B12 D . 2.00 3.81 8.66
C18 B12 D . -2.61 1.05 8.52
C60 B12 D . -2.67 0.89 7.00
C61 B12 D . -2.51 2.17 6.21
O63 B12 D . -1.81 3.11 6.57
N62 B12 D . -3.17 2.24 5.06
C19 B12 D . -3.86 0.48 9.20
C1P B12 D . 3.29 4.41 8.94
C2P B12 D . 2.98 5.83 9.39
C3P B12 D . 4.23 6.70 9.32
O3 B12 D . 1.95 6.33 8.54
O4 B12 D . 0.40 7.33 10.32
O5 B12 D . -0.14 7.71 7.95
P B12 D . 0.98 7.55 8.95
O2 B12 D . 1.90 8.87 8.97
C3R B12 D . 2.10 9.59 7.78
C2R B12 D . 2.28 11.06 8.13
O7R B12 D . 3.13 11.18 9.28
C1R B12 D . 2.95 11.57 6.86
O6R B12 D . 3.72 10.48 6.35
C4R B12 D . 3.40 9.28 7.05
C5R B12 D . 3.38 8.11 6.08
O8R B12 D . 4.72 7.67 5.83
N1B B12 D . 3.80 12.73 7.19
C8B B12 D . 3.36 13.99 7.24
C2B B12 D . 5.11 12.70 7.47
N3B B12 D . 5.57 13.95 7.72
C9B B12 D . 4.54 14.82 7.60
C4B B12 D . 4.41 16.20 7.72
C5B B12 D . 3.17 16.79 7.51
C5M B12 D . 3.02 18.29 7.66
C6B B12 D . 1.99 15.96 7.16
C6M B12 D . 0.65 16.62 6.95
C7B B12 D . 2.12 14.58 7.03
CO B12 E . -3.88 -10.51 -6.02
N21 B12 E . -4.96 -9.62 -4.71
N22 B12 E . -5.39 -11.33 -6.69
N23 B12 E . -2.65 -11.39 -7.06
N24 B12 E . -2.53 -9.60 -5.15
C1 B12 E . -4.25 -9.27 -3.46
C20 B12 E . -3.89 -10.52 -2.66
C2 B12 E . -5.34 -8.36 -2.87
C25 B12 E . -5.14 -8.00 -1.41
C26 B12 E . -5.45 -7.03 -3.64
C27 B12 E . -6.71 -6.21 -3.65
O28 B12 E . -7.59 -6.26 -2.81
N29 B12 E . -6.85 -5.37 -4.68
C3 B12 E . -6.62 -9.19 -3.10
C30 B12 E . -7.26 -10.03 -1.99
C31 B12 E . -8.17 -9.23 -1.06
C32 B12 E . -9.40 -9.97 -0.59
O34 B12 E . -9.50 -10.35 0.56
N33 B12 E . -10.37 -10.19 -1.49
C4 B12 E . -6.33 -9.99 -4.36
C5 B12 E . -7.24 -10.64 -5.36
C35 B12 E . -8.69 -10.44 -5.02
C6 B12 E . -6.70 -11.27 -6.41
C7 B12 E . -7.55 -12.00 -7.43
C36 B12 E . -8.71 -12.82 -6.86
C37 B12 E . -8.05 -10.89 -8.34
C38 B12 E . -8.73 -11.31 -9.62
O39 B12 E . -8.10 -11.34 -10.68
N40 B12 E . -10.01 -11.63 -9.55
C8 B12 E . -6.58 -12.89 -8.23
C41 B12 E . -6.80 -14.40 -8.27
C42 B12 E . -5.89 -15.37 -7.53
C43 B12 E . -4.71 -15.77 -8.38
O44 B12 E . -4.83 -15.91 -9.59
N45 B12 E . -3.53 -15.97 -7.76
C9 B12 E . -5.26 -12.20 -7.85
C10 B12 E . -4.04 -12.40 -8.69
C11 B12 E . -2.85 -11.99 -8.24
C12 B12 E . -1.57 -12.12 -9.03
C46 B12 E . -1.37 -10.86 -9.86
C47 B12 E . -1.57 -13.33 -9.95
C13 B12 E . -0.55 -12.18 -7.90
C48 B12 E . -0.02 -13.56 -7.55
C49 B12 E . 1.12 -13.58 -6.55
C50 B12 E . 1.07 -14.81 -5.66
O51 B12 E . 0.23 -15.68 -5.78
N52 B12 E . 2.01 -14.84 -4.72
C14 B12 E . -1.25 -11.51 -6.70
C15 B12 E . -0.59 -10.22 -6.31
C53 B12 E . 0.64 -9.73 -7.02
C16 B12 E . -1.20 -9.57 -5.30
C17 B12 E . -0.56 -8.73 -4.23
C54 B12 E . 0.07 -7.44 -4.75
C55 B12 E . 0.52 -9.65 -3.64
C56 B12 E . 1.01 -9.29 -2.25
C57 B12 E . 2.22 -10.12 -1.93
O58 B12 E . 2.64 -10.95 -2.72
N59 B12 E . 2.79 -9.89 -0.74
C18 B12 E . -1.71 -8.42 -3.28
C60 B12 E . -1.80 -7.02 -2.67
C61 B12 E . -1.53 -6.85 -1.19
O63 B12 E . -1.05 -7.71 -0.46
N62 B12 E . -1.85 -5.64 -0.74
C19 B12 E . -2.97 -8.70 -4.10
C1P B12 E . 3.95 -10.61 -0.26
C2P B12 E . 3.47 -11.80 0.55
C3P B12 E . 4.67 -12.52 1.15
O3 B12 E . 2.59 -11.29 1.55
O4 B12 E . 1.04 -13.30 1.55
O5 B12 E . 0.46 -11.40 2.94
P B12 E . 1.62 -12.23 2.44
O2 B12 E . 2.37 -12.93 3.67
C3R B12 E . 2.64 -12.23 4.89
C2R B12 E . 2.77 -13.18 6.07
O7R B12 E . 3.49 -14.36 5.71
C1R B12 E . 3.53 -12.33 7.08
O6R B12 E . 4.42 -11.53 6.31
C4R B12 E . 3.99 -11.50 4.95
C5R B12 E . 3.89 -10.09 4.38
O8R B12 E . 4.85 -9.23 5.00
N1B B12 E . 4.18 -13.27 8.03
C8B B12 E . 3.55 -13.90 9.02
C2B B12 E . 5.47 -13.63 8.02
N3B B12 E . 5.72 -14.50 9.02
C9B B12 E . 4.59 -14.73 9.70
C4B B12 E . 4.26 -15.52 10.80
C5B B12 E . 2.96 -15.53 11.27
C5M B12 E . 2.59 -16.39 12.45
C6B B12 E . 1.92 -14.71 10.59
C6M B12 E . 0.51 -14.73 11.12
C7B B12 E . 2.24 -13.91 9.50
CO B12 F . -5.29 9.68 -5.51
N21 B12 F . -6.28 8.05 -5.33
N22 B12 F . -6.88 10.55 -5.76
N23 B12 F . -4.20 11.13 -5.77
N24 B12 F . -3.80 8.64 -5.23
C1 B12 F . -5.42 6.88 -5.57
C20 B12 F . -5.05 6.73 -7.04
C2 B12 F . -6.44 5.87 -5.02
C25 B12 F . -6.06 4.42 -5.32
C26 B12 F . -6.63 6.02 -3.50
C27 B12 F . -7.43 4.90 -2.91
O28 B12 F . -8.65 4.88 -3.01
N29 B12 F . -6.73 3.95 -2.29
C3 B12 F . -7.76 6.33 -5.66
C30 B12 F . -8.34 5.53 -6.83
C31 B12 F . -9.33 4.43 -6.45
C32 B12 F . -10.24 4.06 -7.60
O34 B12 F . -9.89 3.22 -8.41
N33 B12 F . -11.42 4.67 -7.72
C4 B12 F . -7.51 7.79 -6.09
C5 B12 F . -8.51 8.84 -5.73
C35 B12 F . -9.87 8.32 -5.31
C6 B12 F . -8.16 10.14 -5.81
C7 B12 F . -9.15 11.28 -5.93
C36 B12 F . -9.91 11.08 -7.24
C37 B12 F . -10.13 11.35 -4.75
C38 B12 F . -10.61 12.65 -4.11
O39 B12 F . -10.75 13.72 -4.70
N40 B12 F . -10.88 12.57 -2.82
C8 B12 F . -8.30 12.54 -5.98
C41 B12 F . -8.58 13.65 -7.00
C42 B12 F . -8.05 13.53 -8.43
C43 B12 F . -7.13 14.70 -8.67
O44 B12 F . -7.59 15.83 -8.62
N45 B12 F . -5.85 14.44 -8.94
C9 B12 F . -6.88 12.00 -5.86
C10 B12 F . -5.72 12.95 -5.74
C11 B12 F . -4.49 12.42 -5.69
C12 B12 F . -3.29 13.31 -5.54
C46 B12 F . -3.08 13.46 -4.04
C47 B12 F . -3.44 14.69 -6.19
C13 B12 F . -2.22 12.41 -6.15
C48 B12 F . -1.86 12.59 -7.62
C49 B12 F . -0.77 13.52 -8.14
C50 B12 F . -0.68 13.10 -9.59
O51 B12 F . -1.44 13.56 -10.43
N52 B12 F . 0.26 12.19 -9.90
C14 B12 F . -2.80 10.99 -6.14
C15 B12 F . -1.90 9.98 -5.49
C53 B12 F . -0.48 10.34 -5.15
C16 B12 F . -2.47 8.80 -5.29
C17 B12 F . -1.74 7.49 -5.08
C54 B12 F . -0.97 7.53 -3.76
C55 B12 F . -0.92 7.23 -6.35
C56 B12 F . 0.57 6.90 -6.24
C57 B12 F . 1.33 7.38 -7.45
O58 B12 F . 1.23 8.56 -7.77
N59 B12 F . 2.10 6.51 -8.10
C18 B12 F . -2.89 6.49 -4.98
C60 B12 F . -2.81 5.36 -3.96
C61 B12 F . -2.18 4.14 -4.59
O63 B12 F . -1.23 4.23 -5.35
N62 B12 F . -2.71 2.96 -4.28
C19 B12 F . -4.17 7.30 -4.80
C1P B12 F . 2.94 6.85 -9.24
C2P B12 F . 2.62 6.15 -10.57
C3P B12 F . 3.91 5.84 -11.34
O3 B12 F . 1.89 4.94 -10.40
O4 B12 F . 0.03 5.50 -12.02
O5 B12 F . 0.06 3.28 -10.96
P B12 F . 0.92 4.38 -11.55
O2 B12 F . 1.80 3.85 -12.79
C3R B12 F . 2.10 2.46 -12.94
C2R B12 F . 2.23 2.01 -14.38
O7R B12 F . 2.77 3.06 -15.19
C1R B12 F . 3.10 0.77 -14.26
O6R B12 F . 3.95 1.01 -13.13
C4R B12 F . 3.45 2.08 -12.33
C5R B12 F . 3.32 1.66 -10.87
O8R B12 F . 4.63 1.37 -10.39
N1B B12 F . 3.82 0.54 -15.54
C8B B12 F . 3.29 -0.12 -16.59
C2B B12 F . 5.05 0.93 -15.86
N3B B12 F . 5.38 0.55 -17.12
C9B B12 F . 4.33 -0.12 -17.65
C4B B12 F . 4.07 -0.72 -18.87
C5B B12 F . 2.85 -1.34 -19.10
C5M B12 F . 2.59 -1.99 -20.44
C6B B12 F . 1.80 -1.35 -18.04
C6M B12 F . 0.47 -2.01 -18.28
C7B B12 F . 2.06 -0.74 -16.82
#